data_3I7G
#
_entry.id   3I7G
#
_cell.length_a   133.770
_cell.length_b   36.100
_cell.length_c   95.333
_cell.angle_alpha   90.000
_cell.angle_beta   130.770
_cell.angle_gamma   90.000
#
_symmetry.space_group_name_H-M   'C 1 2 1'
#
loop_
_entity.id
_entity.type
_entity.pdbx_description
1 polymer 'Collagenase 3'
2 non-polymer 'ZINC ION'
3 non-polymer 'CALCIUM ION'
4 non-polymer 'FORMIC ACID'
5 non-polymer 5-(4-chlorophenyl)-N-[(1S)-1-cyclohexyl-2-(methylamino)-2-oxoethyl]furan-2-carboxamide
6 water water
#
_entity_poly.entity_id   1
_entity_poly.type   'polypeptide(L)'
_entity_poly.pdbx_seq_one_letter_code
;YNVFPRTLKWSKMNLTYRIVNYTPDMTHSEVEKAFKKAFKVWSDVTPLNFTRLHDGIADIMISFGIKEHGDFYPFDGPSG
LLAHAFPPGPNYGGDAHFDDDETWTSSSKGYNLFLVAAHEFGHSLGLDHSKDPGALMFPIYTYTGKSHFMLPDDDVQGIQ
SLYGPGDEDPN
;
_entity_poly.pdbx_strand_id   A,B
#
loop_
_chem_comp.id
_chem_comp.type
_chem_comp.name
_chem_comp.formula
732 non-polymer 5-(4-chlorophenyl)-N-[(1S)-1-cyclohexyl-2-(methylamino)-2-oxoethyl]furan-2-carboxamide 'C20 H23 Cl N2 O3'
CA non-polymer 'CALCIUM ION' 'Ca 2'
FMT non-polymer 'FORMIC ACID' 'C H2 O2'
ZN non-polymer 'ZINC ION' 'Zn 2'
#
# COMPACT_ATOMS: atom_id res chain seq x y z
N TYR A 1 -18.76 -1.29 -8.48
CA TYR A 1 -17.90 -0.45 -7.63
C TYR A 1 -17.26 -1.22 -6.49
N ASN A 2 -16.12 -0.74 -6.04
CA ASN A 2 -15.45 -1.30 -4.86
C ASN A 2 -14.89 -0.23 -3.92
N VAL A 3 -15.15 -0.41 -2.64
CA VAL A 3 -14.53 0.43 -1.62
C VAL A 3 -13.28 -0.29 -1.09
N PHE A 4 -12.31 0.45 -0.57
CA PHE A 4 -11.10 -0.14 -0.02
C PHE A 4 -11.46 -1.16 1.08
N PRO A 5 -10.87 -2.37 1.01
CA PRO A 5 -11.05 -3.41 2.04
C PRO A 5 -10.93 -2.84 3.45
N ARG A 6 -11.72 -3.35 4.39
CA ARG A 6 -11.66 -2.90 5.78
C ARG A 6 -10.27 -3.05 6.40
N THR A 7 -9.58 -4.13 6.03
CA THR A 7 -8.26 -4.42 6.57
C THR A 7 -7.26 -4.55 5.41
N LEU A 8 -6.04 -4.08 5.65
CA LEU A 8 -4.93 -4.23 4.71
C LEU A 8 -4.62 -5.71 4.44
N LYS A 9 -5.08 -6.27 3.31
CA LYS A 9 -4.86 -7.67 3.00
C LYS A 9 -4.73 -7.90 1.51
N TRP A 10 -4.15 -9.04 1.12
CA TRP A 10 -4.03 -9.37 -0.30
C TRP A 10 -5.38 -9.85 -0.82
N SER A 11 -5.71 -9.48 -2.05
CA SER A 11 -7.04 -9.74 -2.59
C SER A 11 -7.04 -11.01 -3.43
N LYS A 12 -5.92 -11.71 -3.43
CA LYS A 12 -5.76 -12.93 -4.21
C LYS A 12 -5.07 -13.91 -3.29
N MET A 13 -5.27 -15.20 -3.52
CA MET A 13 -4.75 -16.19 -2.59
C MET A 13 -3.39 -16.72 -3.06
N ASN A 14 -3.10 -16.54 -4.33
CA ASN A 14 -1.86 -17.05 -4.89
C ASN A 14 -0.85 -15.92 -4.84
N LEU A 15 0.19 -16.06 -4.03
CA LEU A 15 1.18 -14.98 -3.95
C LEU A 15 2.53 -15.51 -4.41
N THR A 16 3.36 -14.61 -4.90
CA THR A 16 4.69 -15.02 -5.35
C THR A 16 5.73 -14.36 -4.46
N TYR A 17 6.88 -15.03 -4.32
CA TYR A 17 7.99 -14.35 -3.67
C TYR A 17 9.27 -14.53 -4.45
N ARG A 18 10.22 -13.64 -4.20
CA ARG A 18 11.53 -13.72 -4.86
C ARG A 18 12.64 -13.41 -3.86
N ILE A 19 13.63 -14.29 -3.79
CA ILE A 19 14.82 -14.03 -2.99
C ILE A 19 15.80 -13.24 -3.90
N VAL A 20 15.86 -11.94 -3.68
CA VAL A 20 16.61 -11.04 -4.56
C VAL A 20 18.10 -11.23 -4.40
N ASN A 21 18.54 -11.40 -3.16
CA ASN A 21 19.95 -11.58 -2.87
C ASN A 21 20.11 -12.36 -1.57
N TYR A 22 21.33 -12.68 -1.22
CA TYR A 22 21.61 -13.62 -0.14
C TYR A 22 22.66 -13.11 0.86
N THR A 23 22.43 -13.43 2.13
CA THR A 23 23.38 -13.14 3.22
C THR A 23 24.67 -13.94 3.02
N PRO A 24 25.80 -13.37 3.44
CA PRO A 24 27.03 -14.16 3.48
C PRO A 24 26.96 -15.33 4.48
N ASP A 25 26.04 -15.28 5.44
CA ASP A 25 26.13 -16.13 6.63
C ASP A 25 25.72 -17.58 6.44
N MET A 26 24.91 -17.84 5.40
CA MET A 26 24.30 -19.14 5.20
C MET A 26 24.40 -19.51 3.73
N THR A 27 24.30 -20.80 3.41
CA THR A 27 24.29 -21.23 2.01
C THR A 27 22.99 -20.76 1.36
N HIS A 28 22.99 -20.72 0.03
CA HIS A 28 21.77 -20.43 -0.73
C HIS A 28 20.66 -21.41 -0.33
N SER A 29 21.04 -22.68 -0.18
CA SER A 29 20.09 -23.75 0.14
C SER A 29 19.49 -23.54 1.53
N GLU A 30 20.35 -23.19 2.49
CA GLU A 30 19.89 -22.89 3.86
C GLU A 30 18.91 -21.73 3.88
N VAL A 31 19.21 -20.67 3.13
CA VAL A 31 18.31 -19.50 3.06
C VAL A 31 16.98 -19.85 2.38
N GLU A 32 17.07 -20.56 1.26
CA GLU A 32 15.87 -21.01 0.56
C GLU A 32 14.97 -21.87 1.47
N LYS A 33 15.55 -22.80 2.20
CA LYS A 33 14.75 -23.67 3.06
C LYS A 33 14.09 -22.92 4.20
N ALA A 34 14.84 -22.04 4.82
CA ALA A 34 14.28 -21.22 5.89
C ALA A 34 13.09 -20.41 5.40
N PHE A 35 13.20 -19.75 4.24
CA PHE A 35 12.08 -18.95 3.74
C PHE A 35 10.90 -19.82 3.31
N LYS A 36 11.20 -20.94 2.67
CA LYS A 36 10.15 -21.85 2.26
C LYS A 36 9.35 -22.33 3.48
N LYS A 37 10.05 -22.71 4.54
CA LYS A 37 9.43 -23.15 5.79
C LYS A 37 8.62 -22.03 6.49
N ALA A 38 9.14 -20.79 6.49
CA ALA A 38 8.40 -19.62 6.99
C ALA A 38 7.11 -19.33 6.26
N PHE A 39 7.09 -19.47 4.93
CA PHE A 39 5.84 -19.28 4.20
C PHE A 39 4.84 -20.39 4.52
N LYS A 40 5.34 -21.60 4.76
CA LYS A 40 4.49 -22.75 5.06
C LYS A 40 3.78 -22.59 6.41
N VAL A 41 4.43 -21.88 7.33
CA VAL A 41 3.80 -21.55 8.59
C VAL A 41 2.42 -20.94 8.35
N TRP A 42 2.34 -20.03 7.38
CA TRP A 42 1.12 -19.31 7.09
C TRP A 42 0.25 -20.01 6.07
N SER A 43 0.85 -20.64 5.06
CA SER A 43 0.01 -21.37 4.11
C SER A 43 -0.73 -22.55 4.78
N ASP A 44 -0.14 -23.14 5.82
CA ASP A 44 -0.76 -24.26 6.50
C ASP A 44 -2.06 -23.89 7.23
N VAL A 45 -2.29 -22.62 7.54
CA VAL A 45 -3.46 -22.29 8.36
C VAL A 45 -4.42 -21.35 7.69
N THR A 46 -4.25 -21.19 6.37
CA THR A 46 -5.07 -20.32 5.55
C THR A 46 -5.23 -20.99 4.17
N PRO A 47 -5.89 -20.32 3.21
CA PRO A 47 -5.94 -20.86 1.86
C PRO A 47 -4.84 -20.25 0.96
N LEU A 48 -3.89 -19.54 1.55
CA LEU A 48 -2.78 -18.90 0.81
C LEU A 48 -1.80 -19.91 0.21
N ASN A 49 -1.36 -19.62 -1.01
CA ASN A 49 -0.32 -20.38 -1.69
C ASN A 49 0.82 -19.44 -2.04
N PHE A 50 2.06 -19.91 -1.90
CA PHE A 50 3.25 -19.08 -2.17
C PHE A 50 4.11 -19.81 -3.20
N THR A 51 4.45 -19.10 -4.28
CA THR A 51 5.24 -19.67 -5.35
C THR A 51 6.52 -18.83 -5.51
N ARG A 52 7.66 -19.49 -5.59
CA ARG A 52 8.89 -18.75 -5.67
C ARG A 52 9.18 -18.37 -7.11
N LEU A 53 9.59 -17.14 -7.33
CA LEU A 53 10.14 -16.71 -8.63
C LEU A 53 11.63 -16.52 -8.50
N HIS A 54 12.36 -16.82 -9.57
CA HIS A 54 13.81 -16.63 -9.55
C HIS A 54 14.24 -15.24 -9.97
N ASP A 55 13.36 -14.54 -10.69
CA ASP A 55 13.60 -13.13 -11.00
C ASP A 55 12.29 -12.43 -11.33
N GLY A 56 12.37 -11.18 -11.77
CA GLY A 56 11.19 -10.40 -12.10
C GLY A 56 10.49 -9.88 -10.88
N ILE A 57 9.24 -9.51 -11.05
CA ILE A 57 8.49 -8.85 -10.00
C ILE A 57 7.59 -9.83 -9.25
N ALA A 58 7.86 -10.04 -7.96
CA ALA A 58 7.00 -10.87 -7.13
C ALA A 58 6.19 -10.03 -6.16
N ASP A 59 5.14 -10.62 -5.59
CA ASP A 59 4.35 -9.92 -4.61
C ASP A 59 5.21 -9.63 -3.40
N ILE A 60 6.01 -10.59 -2.97
CA ILE A 60 6.86 -10.39 -1.77
C ILE A 60 8.33 -10.44 -2.19
N MET A 61 8.98 -9.29 -2.29
CA MET A 61 10.41 -9.26 -2.64
C MET A 61 11.25 -9.34 -1.37
N ILE A 62 12.15 -10.31 -1.30
CA ILE A 62 13.00 -10.49 -0.12
C ILE A 62 14.43 -10.10 -0.44
N SER A 63 15.01 -9.28 0.42
CA SER A 63 16.40 -8.87 0.23
C SER A 63 17.11 -8.63 1.56
N PHE A 64 18.43 -8.77 1.52
CA PHE A 64 19.32 -8.45 2.62
C PHE A 64 20.02 -7.14 2.29
N GLY A 65 20.11 -6.22 3.25
CA GLY A 65 20.82 -4.98 2.99
C GLY A 65 21.25 -4.38 4.32
N ILE A 66 22.00 -3.30 4.27
CA ILE A 66 22.50 -2.67 5.50
C ILE A 66 22.23 -1.19 5.40
N LYS A 67 22.17 -0.52 6.54
CA LYS A 67 21.99 0.92 6.62
C LYS A 67 20.88 1.45 5.69
N GLU A 68 21.19 2.45 4.87
CA GLU A 68 20.24 2.91 3.84
C GLU A 68 20.13 1.91 2.68
N HIS A 69 18.95 1.33 2.47
CA HIS A 69 18.82 0.31 1.45
C HIS A 69 17.61 0.51 0.53
N GLY A 70 17.07 1.73 0.52
CA GLY A 70 16.08 2.11 -0.49
C GLY A 70 14.65 2.33 0.04
N ASP A 71 14.53 2.79 1.28
CA ASP A 71 13.22 3.08 1.86
C ASP A 71 13.38 3.99 3.06
N PHE A 72 12.29 4.25 3.80
CA PHE A 72 12.38 5.18 4.92
C PHE A 72 12.79 4.53 6.23
N TYR A 73 13.26 3.29 6.16
CA TYR A 73 13.55 2.52 7.38
C TYR A 73 14.98 1.96 7.37
N PRO A 74 15.97 2.85 7.39
CA PRO A 74 17.37 2.41 7.29
C PRO A 74 17.75 1.49 8.46
N PHE A 75 18.59 0.49 8.20
CA PHE A 75 19.01 -0.39 9.30
C PHE A 75 20.14 0.30 10.06
N ASP A 76 20.62 -0.34 11.12
CA ASP A 76 21.45 0.35 12.10
C ASP A 76 22.68 -0.41 12.54
N GLY A 77 23.25 -1.24 11.67
CA GLY A 77 24.42 -2.04 12.02
C GLY A 77 24.02 -3.15 13.00
N PRO A 78 24.99 -3.89 13.54
CA PRO A 78 24.65 -5.07 14.35
C PRO A 78 23.72 -4.71 15.50
N SER A 79 22.82 -5.62 15.85
CA SER A 79 21.92 -5.45 17.01
C SER A 79 20.79 -4.52 16.63
N GLY A 80 19.88 -4.25 17.57
CA GLY A 80 18.80 -3.31 17.33
C GLY A 80 17.78 -3.82 16.32
N LEU A 81 17.48 -3.01 15.30
CA LEU A 81 16.57 -3.44 14.25
C LEU A 81 17.18 -4.64 13.53
N LEU A 82 16.39 -5.70 13.33
CA LEU A 82 16.85 -6.92 12.70
C LEU A 82 16.33 -7.05 11.28
N ALA A 83 15.11 -6.59 11.07
CA ALA A 83 14.38 -6.83 9.85
C ALA A 83 13.09 -6.06 9.90
N HIS A 84 12.47 -5.85 8.73
CA HIS A 84 11.10 -5.29 8.65
C HIS A 84 10.40 -5.72 7.37
N ALA A 85 9.09 -5.49 7.30
CA ALA A 85 8.32 -5.90 6.12
C ALA A 85 7.12 -4.99 5.99
N PHE A 86 6.73 -4.73 4.76
CA PHE A 86 5.66 -3.78 4.49
C PHE A 86 4.34 -4.51 4.37
N PRO A 87 3.26 -3.88 4.82
CA PRO A 87 1.92 -4.46 4.73
C PRO A 87 1.55 -4.66 3.26
N PRO A 88 0.53 -5.49 3.01
CA PRO A 88 0.01 -5.75 1.66
C PRO A 88 -0.31 -4.42 0.97
N GLY A 89 0.06 -4.31 -0.29
CA GLY A 89 -0.17 -3.06 -1.01
C GLY A 89 0.63 -3.08 -2.30
N PRO A 90 0.50 -2.01 -3.11
CA PRO A 90 1.22 -1.96 -4.39
C PRO A 90 2.72 -1.76 -4.22
N ASN A 91 3.48 -2.02 -5.29
CA ASN A 91 4.92 -1.77 -5.28
C ASN A 91 5.66 -2.47 -4.13
N TYR A 92 6.25 -1.72 -3.21
CA TYR A 92 6.94 -2.35 -2.06
C TYR A 92 6.05 -3.03 -1.00
N GLY A 93 4.74 -2.89 -1.09
CA GLY A 93 3.90 -3.60 -0.14
C GLY A 93 4.23 -5.09 -0.19
N GLY A 94 4.28 -5.74 0.98
CA GLY A 94 4.60 -7.16 1.05
C GLY A 94 6.10 -7.45 1.15
N ASP A 95 6.94 -6.51 0.73
CA ASP A 95 8.39 -6.76 0.70
C ASP A 95 8.97 -6.93 2.11
N ALA A 96 10.04 -7.72 2.20
CA ALA A 96 10.68 -8.02 3.49
C ALA A 96 12.18 -7.83 3.40
N HIS A 97 12.73 -7.05 4.34
CA HIS A 97 14.12 -6.69 4.32
C HIS A 97 14.77 -7.20 5.56
N PHE A 98 15.95 -7.78 5.39
CA PHE A 98 16.70 -8.30 6.52
C PHE A 98 18.03 -7.59 6.66
N ASP A 99 18.34 -7.13 7.87
CA ASP A 99 19.57 -6.40 8.10
C ASP A 99 20.78 -7.32 8.05
N ASP A 100 21.62 -7.11 7.05
CA ASP A 100 22.73 -8.03 6.85
C ASP A 100 23.95 -7.61 7.68
N ASP A 101 23.77 -6.67 8.61
CA ASP A 101 24.78 -6.50 9.64
C ASP A 101 24.54 -7.43 10.84
N GLU A 102 23.45 -8.20 10.81
CA GLU A 102 23.17 -9.19 11.85
C GLU A 102 23.80 -10.50 11.44
N THR A 103 23.91 -11.44 12.37
CA THR A 103 24.33 -12.80 12.04
C THR A 103 23.11 -13.71 11.91
N TRP A 104 22.86 -14.15 10.68
CA TRP A 104 21.71 -15.00 10.35
C TRP A 104 22.09 -16.48 10.41
N THR A 105 21.28 -17.30 11.07
CA THR A 105 21.64 -18.73 11.17
C THR A 105 20.49 -19.67 10.89
N SER A 106 20.82 -20.94 10.71
CA SER A 106 19.79 -21.97 10.77
C SER A 106 19.86 -22.73 12.10
N SER A 107 20.39 -22.09 13.13
CA SER A 107 20.43 -22.71 14.46
C SER A 107 19.89 -21.77 15.52
N SER A 108 20.31 -22.01 16.75
CA SER A 108 19.95 -21.19 17.91
C SER A 108 20.92 -20.04 18.14
N LYS A 109 22.05 -20.04 17.45
CA LYS A 109 22.99 -18.94 17.62
C LYS A 109 22.49 -17.76 16.79
N GLY A 110 23.09 -16.59 16.96
CA GLY A 110 22.69 -15.41 16.20
C GLY A 110 21.17 -15.29 16.11
N TYR A 111 20.66 -14.90 14.94
CA TYR A 111 19.22 -14.85 14.71
C TYR A 111 18.83 -15.92 13.74
N ASN A 112 17.92 -16.77 14.17
CA ASN A 112 17.43 -17.83 13.32
C ASN A 112 16.63 -17.22 12.15
N LEU A 113 17.08 -17.40 10.92
CA LEU A 113 16.43 -16.74 9.80
C LEU A 113 14.98 -17.21 9.67
N PHE A 114 14.78 -18.51 9.83
CA PHE A 114 13.43 -19.07 9.71
C PHE A 114 12.43 -18.33 10.61
N LEU A 115 12.80 -18.20 11.89
CA LEU A 115 11.88 -17.62 12.85
C LEU A 115 11.66 -16.12 12.58
N VAL A 116 12.73 -15.36 12.31
CA VAL A 116 12.54 -13.94 11.95
C VAL A 116 11.72 -13.77 10.69
N ALA A 117 12.02 -14.58 9.67
CA ALA A 117 11.23 -14.56 8.43
C ALA A 117 9.73 -14.90 8.63
N ALA A 118 9.42 -15.88 9.45
CA ALA A 118 8.03 -16.25 9.65
C ALA A 118 7.29 -15.05 10.22
N HIS A 119 7.95 -14.36 11.18
CA HIS A 119 7.43 -13.14 11.78
C HIS A 119 7.25 -12.05 10.73
N GLU A 120 8.31 -11.74 9.99
CA GLU A 120 8.21 -10.74 8.92
C GLU A 120 7.11 -11.03 7.90
N PHE A 121 6.96 -12.29 7.51
CA PHE A 121 5.93 -12.65 6.52
C PHE A 121 4.53 -12.42 7.09
N GLY A 122 4.40 -12.47 8.42
CA GLY A 122 3.11 -12.14 9.04
C GLY A 122 2.76 -10.69 8.71
N HIS A 123 3.76 -9.81 8.81
CA HIS A 123 3.61 -8.40 8.39
C HIS A 123 3.31 -8.31 6.89
N SER A 124 4.09 -9.00 6.07
CA SER A 124 3.79 -9.03 4.62
C SER A 124 2.35 -9.40 4.30
N LEU A 125 1.72 -10.16 5.19
CA LEU A 125 0.35 -10.64 4.93
C LEU A 125 -0.74 -9.78 5.57
N GLY A 126 -0.35 -8.83 6.41
CA GLY A 126 -1.30 -7.91 7.00
C GLY A 126 -1.38 -7.93 8.52
N LEU A 127 -0.56 -8.73 9.20
CA LEU A 127 -0.51 -8.67 10.66
C LEU A 127 0.46 -7.62 11.21
N ASP A 128 0.00 -6.89 12.22
CA ASP A 128 0.86 -6.01 13.01
C ASP A 128 1.32 -6.78 14.25
N HIS A 129 1.95 -6.08 15.18
CA HIS A 129 2.45 -6.74 16.37
C HIS A 129 1.33 -7.15 17.32
N SER A 130 1.56 -8.24 18.07
CA SER A 130 0.63 -8.71 19.08
C SER A 130 1.11 -8.32 20.48
N LYS A 131 0.21 -8.22 21.44
CA LYS A 131 0.64 -7.99 22.83
C LYS A 131 0.86 -9.32 23.56
N ASP A 132 0.46 -10.41 22.91
CA ASP A 132 0.64 -11.76 23.48
C ASP A 132 2.13 -12.15 23.40
N PRO A 133 2.81 -12.24 24.57
CA PRO A 133 4.26 -12.46 24.58
C PRO A 133 4.63 -13.84 24.07
N GLY A 134 3.62 -14.70 23.92
CA GLY A 134 3.87 -16.00 23.31
C GLY A 134 3.64 -16.01 21.80
N ALA A 135 3.02 -14.97 21.25
CA ALA A 135 2.73 -14.90 19.82
C ALA A 135 3.98 -14.76 18.94
N LEU A 136 3.93 -15.31 17.72
CA LEU A 136 5.05 -15.14 16.78
C LEU A 136 5.17 -13.67 16.44
N MET A 137 4.02 -12.97 16.42
CA MET A 137 3.98 -11.55 16.07
C MET A 137 4.32 -10.60 17.26
N PHE A 138 4.68 -11.18 18.40
CA PHE A 138 5.20 -10.36 19.50
C PHE A 138 6.47 -9.67 18.97
N PRO A 139 6.67 -8.41 19.31
CA PRO A 139 7.71 -7.66 18.60
C PRO A 139 9.15 -7.96 19.03
N ILE A 140 9.36 -8.82 20.02
CA ILE A 140 10.74 -9.09 20.47
C ILE A 140 11.20 -10.51 20.15
N TYR A 141 12.42 -10.65 19.61
CA TYR A 141 12.92 -11.95 19.19
C TYR A 141 13.17 -12.90 20.35
N THR A 142 12.71 -14.13 20.21
CA THR A 142 13.13 -15.19 21.12
C THR A 142 13.19 -16.49 20.33
N TYR A 143 14.14 -17.37 20.67
CA TYR A 143 14.35 -18.59 19.87
C TYR A 143 13.60 -19.80 20.41
N THR A 144 12.98 -20.56 19.52
CA THR A 144 12.31 -21.80 19.89
C THR A 144 12.70 -22.93 18.91
N PHE A 149 8.66 -26.09 16.17
CA PHE A 149 7.89 -24.86 16.13
C PHE A 149 6.43 -25.11 15.78
N MET A 150 5.52 -24.46 16.49
CA MET A 150 4.09 -24.53 16.17
C MET A 150 3.49 -23.13 16.26
N LEU A 151 2.80 -22.70 15.22
CA LEU A 151 2.29 -21.33 15.18
C LEU A 151 1.35 -21.10 16.34
N PRO A 152 1.59 -20.07 17.16
CA PRO A 152 0.69 -19.90 18.30
C PRO A 152 -0.75 -19.56 17.92
N ASP A 153 -1.70 -19.77 18.83
CA ASP A 153 -3.09 -19.53 18.49
C ASP A 153 -3.42 -18.07 18.26
N ASP A 154 -2.79 -17.15 19.00
CA ASP A 154 -2.99 -15.74 18.74
C ASP A 154 -2.67 -15.38 17.27
N ASP A 155 -1.60 -15.96 16.73
CA ASP A 155 -1.27 -15.71 15.31
C ASP A 155 -2.23 -16.44 14.34
N VAL A 156 -2.66 -17.65 14.69
CA VAL A 156 -3.61 -18.40 13.86
C VAL A 156 -4.90 -17.58 13.75
N GLN A 157 -5.39 -17.11 14.89
CA GLN A 157 -6.64 -16.32 14.91
C GLN A 157 -6.46 -15.03 14.11
N GLY A 158 -5.30 -14.41 14.26
CA GLY A 158 -5.03 -13.18 13.54
C GLY A 158 -5.07 -13.39 12.04
N ILE A 159 -4.34 -14.40 11.56
CA ILE A 159 -4.23 -14.57 10.10
C ILE A 159 -5.53 -15.10 9.50
N GLN A 160 -6.26 -15.90 10.25
CA GLN A 160 -7.54 -16.40 9.75
C GLN A 160 -8.61 -15.30 9.74
N SER A 161 -8.47 -14.28 10.59
CA SER A 161 -9.43 -13.16 10.56
C SER A 161 -9.33 -12.45 9.23
N LEU A 162 -8.14 -12.52 8.62
CA LEU A 162 -7.88 -11.91 7.31
C LEU A 162 -8.21 -12.79 6.11
N TYR A 163 -7.79 -14.05 6.13
CA TYR A 163 -7.85 -14.90 4.94
C TYR A 163 -8.74 -16.14 5.08
N GLY A 164 -9.32 -16.35 6.26
CA GLY A 164 -10.07 -17.58 6.54
C GLY A 164 -9.10 -18.71 6.79
N PRO A 165 -9.61 -19.92 7.12
CA PRO A 165 -8.71 -21.01 7.48
C PRO A 165 -8.22 -21.88 6.32
N GLY A 166 -8.74 -21.68 5.11
CA GLY A 166 -8.49 -22.68 4.06
C GLY A 166 -9.00 -24.02 4.57
N ASP A 167 -8.38 -25.11 4.13
CA ASP A 167 -8.84 -26.46 4.50
C ASP A 167 -8.49 -26.69 5.96
N GLU A 168 -9.50 -26.92 6.78
CA GLU A 168 -9.28 -27.10 8.19
C GLU A 168 -8.64 -28.46 8.51
N ASP A 169 -8.63 -29.38 7.54
CA ASP A 169 -8.11 -30.73 7.80
C ASP A 169 -7.49 -31.37 6.56
N TYR B 1 -3.87 -10.22 18.91
CA TYR B 1 -3.21 -9.89 17.65
C TYR B 1 -3.70 -8.54 17.19
N ASN B 2 -3.01 -7.98 16.20
CA ASN B 2 -3.48 -6.76 15.55
C ASN B 2 -3.31 -6.90 14.06
N VAL B 3 -4.22 -6.31 13.29
CA VAL B 3 -4.02 -6.26 11.87
C VAL B 3 -3.78 -4.80 11.54
N PHE B 4 -3.36 -4.52 10.31
CA PHE B 4 -3.24 -3.15 9.84
C PHE B 4 -4.64 -2.61 9.46
N PRO B 5 -5.25 -1.80 10.36
CA PRO B 5 -6.58 -1.26 10.09
C PRO B 5 -6.54 -0.27 8.94
N ARG B 6 -7.57 -0.29 8.09
CA ARG B 6 -7.68 0.64 6.96
C ARG B 6 -8.81 1.63 7.24
N THR B 7 -8.47 2.91 7.35
CA THR B 7 -9.48 3.95 7.48
C THR B 7 -10.35 3.94 6.21
N LEU B 8 -11.35 3.07 6.18
CA LEU B 8 -12.17 2.89 4.99
C LEU B 8 -12.65 4.23 4.50
N LYS B 9 -12.98 5.09 5.45
CA LYS B 9 -13.59 6.36 5.14
C LYS B 9 -13.01 7.39 6.07
N TRP B 10 -13.17 8.65 5.71
CA TRP B 10 -12.79 9.72 6.60
C TRP B 10 -13.82 9.78 7.73
N SER B 11 -13.33 9.81 8.96
CA SER B 11 -14.20 9.87 10.12
C SER B 11 -14.80 11.27 10.32
N LYS B 12 -14.48 12.20 9.42
CA LYS B 12 -15.03 13.55 9.44
C LYS B 12 -15.53 13.99 8.05
N MET B 13 -16.56 14.83 8.01
CA MET B 13 -17.17 15.27 6.74
C MET B 13 -16.50 16.49 6.12
N ASN B 14 -15.82 17.29 6.94
CA ASN B 14 -15.22 18.52 6.45
C ASN B 14 -13.75 18.26 6.29
N LEU B 15 -13.28 18.32 5.05
CA LEU B 15 -11.90 17.99 4.76
C LEU B 15 -11.25 19.21 4.14
N THR B 16 -9.95 19.32 4.31
CA THR B 16 -9.19 20.40 3.71
C THR B 16 -8.27 19.80 2.66
N TYR B 17 -7.88 20.64 1.69
CA TYR B 17 -6.89 20.29 0.69
C TYR B 17 -5.98 21.48 0.41
N ARG B 18 -4.80 21.21 -0.13
CA ARG B 18 -3.85 22.28 -0.42
C ARG B 18 -3.16 21.91 -1.73
N ILE B 19 -3.06 22.86 -2.64
CA ILE B 19 -2.28 22.68 -3.87
C ILE B 19 -0.85 23.12 -3.57
N VAL B 20 0.04 22.15 -3.44
CA VAL B 20 1.36 22.45 -2.92
C VAL B 20 2.21 23.08 -4.00
N ASN B 21 2.09 22.59 -5.24
CA ASN B 21 2.79 23.20 -6.37
C ASN B 21 2.04 22.93 -7.66
N TYR B 22 2.59 23.41 -8.77
CA TYR B 22 1.80 23.54 -10.00
C TYR B 22 2.53 23.01 -11.23
N THR B 23 1.77 22.36 -12.13
CA THR B 23 2.34 21.86 -13.36
C THR B 23 2.68 23.03 -14.30
N PRO B 24 3.73 22.89 -15.11
CA PRO B 24 4.07 23.95 -16.08
C PRO B 24 3.02 24.07 -17.19
N ASP B 25 2.14 23.07 -17.37
CA ASP B 25 1.37 22.93 -18.60
C ASP B 25 0.10 23.77 -18.63
N MET B 26 -0.33 24.25 -17.47
CA MET B 26 -1.61 24.94 -17.34
C MET B 26 -1.40 26.16 -16.47
N THR B 27 -2.30 27.14 -16.57
CA THR B 27 -2.20 28.33 -15.72
C THR B 27 -2.60 27.97 -14.31
N HIS B 28 -2.15 28.77 -13.35
CA HIS B 28 -2.51 28.51 -11.95
C HIS B 28 -4.02 28.44 -11.81
N SER B 29 -4.72 29.38 -12.44
CA SER B 29 -6.18 29.39 -12.36
C SER B 29 -6.84 28.17 -12.98
N GLU B 30 -6.30 27.70 -14.10
CA GLU B 30 -6.81 26.47 -14.73
C GLU B 30 -6.65 25.28 -13.81
N VAL B 31 -5.53 25.24 -13.09
CA VAL B 31 -5.24 24.12 -12.21
C VAL B 31 -6.18 24.16 -11.02
N GLU B 32 -6.36 25.35 -10.46
CA GLU B 32 -7.25 25.52 -9.31
C GLU B 32 -8.68 25.16 -9.63
N LYS B 33 -9.11 25.54 -10.83
CA LYS B 33 -10.46 25.26 -11.31
C LYS B 33 -10.69 23.78 -11.52
N ALA B 34 -9.75 23.11 -12.17
CA ALA B 34 -9.84 21.65 -12.37
C ALA B 34 -9.93 20.93 -11.03
N PHE B 35 -9.11 21.30 -10.06
CA PHE B 35 -9.16 20.63 -8.76
C PHE B 35 -10.49 20.92 -8.00
N LYS B 36 -10.88 22.18 -7.96
CA LYS B 36 -12.18 22.55 -7.39
C LYS B 36 -13.33 21.73 -7.98
N LYS B 37 -13.35 21.58 -9.30
CA LYS B 37 -14.41 20.84 -9.97
C LYS B 37 -14.34 19.34 -9.68
N ALA B 38 -13.12 18.82 -9.55
CA ALA B 38 -12.95 17.41 -9.20
C ALA B 38 -13.46 17.09 -7.80
N PHE B 39 -13.25 17.98 -6.83
CA PHE B 39 -13.85 17.73 -5.50
C PHE B 39 -15.37 17.86 -5.52
N LYS B 40 -15.87 18.78 -6.33
CA LYS B 40 -17.31 19.00 -6.42
C LYS B 40 -18.03 17.76 -6.96
N VAL B 41 -17.33 16.98 -7.79
CA VAL B 41 -17.86 15.68 -8.24
C VAL B 41 -18.32 14.84 -7.06
N TRP B 42 -17.53 14.82 -5.99
CA TRP B 42 -17.83 13.98 -4.84
C TRP B 42 -18.71 14.69 -3.83
N SER B 43 -18.46 15.98 -3.60
CA SER B 43 -19.25 16.72 -2.60
C SER B 43 -20.73 16.86 -3.03
N ASP B 44 -20.96 16.88 -4.34
CA ASP B 44 -22.33 16.97 -4.90
C ASP B 44 -23.24 15.78 -4.54
N VAL B 45 -22.68 14.63 -4.19
CA VAL B 45 -23.51 13.44 -3.95
C VAL B 45 -23.26 12.80 -2.59
N THR B 46 -22.67 13.55 -1.67
CA THR B 46 -22.38 13.11 -0.31
C THR B 46 -22.45 14.33 0.61
N PRO B 47 -22.30 14.11 1.93
CA PRO B 47 -22.25 15.26 2.84
C PRO B 47 -20.84 15.82 2.94
N LEU B 48 -19.91 15.31 2.14
CA LEU B 48 -18.51 15.74 2.25
C LEU B 48 -18.39 17.20 1.85
N ASN B 49 -17.60 17.98 2.59
CA ASN B 49 -17.28 19.35 2.17
C ASN B 49 -15.75 19.54 2.03
N PHE B 50 -15.33 20.31 1.04
CA PHE B 50 -13.88 20.55 0.87
C PHE B 50 -13.54 22.02 0.89
N THR B 51 -12.56 22.39 1.72
CA THR B 51 -12.12 23.77 1.73
C THR B 51 -10.61 23.80 1.47
N ARG B 52 -10.20 24.74 0.62
CA ARG B 52 -8.79 24.84 0.23
C ARG B 52 -7.99 25.63 1.26
N LEU B 53 -6.86 25.10 1.67
CA LEU B 53 -5.95 25.87 2.52
C LEU B 53 -4.80 26.33 1.64
N HIS B 54 -4.14 27.42 2.03
CA HIS B 54 -3.06 27.97 1.23
C HIS B 54 -1.68 27.68 1.80
N ASP B 55 -1.60 27.21 3.04
CA ASP B 55 -0.32 26.91 3.67
C ASP B 55 -0.55 25.80 4.65
N GLY B 56 0.52 25.25 5.19
CA GLY B 56 0.43 24.29 6.26
C GLY B 56 -0.14 22.97 5.83
N ILE B 57 -0.57 22.19 6.80
CA ILE B 57 -1.02 20.83 6.51
C ILE B 57 -2.53 20.76 6.34
N ALA B 58 -2.92 20.09 5.26
CA ALA B 58 -4.30 19.81 4.94
C ALA B 58 -4.49 18.29 4.90
N ASP B 59 -5.74 17.83 5.04
CA ASP B 59 -6.05 16.43 4.88
C ASP B 59 -5.56 15.91 3.55
N ILE B 60 -5.85 16.62 2.46
CA ILE B 60 -5.52 16.13 1.14
C ILE B 60 -4.45 17.06 0.53
N MET B 61 -3.19 16.61 0.57
CA MET B 61 -2.08 17.41 0.03
C MET B 61 -1.90 17.03 -1.43
N ILE B 62 -2.02 18.00 -2.32
CA ILE B 62 -1.93 17.73 -3.74
C ILE B 62 -0.62 18.26 -4.30
N SER B 63 0.09 17.46 -5.10
CA SER B 63 1.34 17.94 -5.70
C SER B 63 1.66 17.27 -7.02
N PHE B 64 2.56 17.90 -7.76
CA PHE B 64 3.04 17.34 -9.02
C PHE B 64 4.48 16.96 -8.76
N GLY B 65 4.87 15.79 -9.21
CA GLY B 65 6.25 15.35 -9.06
C GLY B 65 6.64 14.45 -10.21
N ILE B 66 7.93 14.15 -10.34
CA ILE B 66 8.37 13.20 -11.35
C ILE B 66 9.23 12.12 -10.70
N LYS B 67 9.33 10.97 -11.35
CA LYS B 67 10.22 9.92 -10.88
C LYS B 67 10.07 9.68 -9.35
N GLU B 68 11.18 9.58 -8.63
CA GLU B 68 11.08 9.42 -7.16
C GLU B 68 10.85 10.79 -6.53
N HIS B 69 9.72 10.93 -5.82
CA HIS B 69 9.30 12.26 -5.40
C HIS B 69 8.96 12.31 -3.91
N GLY B 70 9.41 11.31 -3.15
CA GLY B 70 9.40 11.36 -1.72
C GLY B 70 8.50 10.34 -1.03
N ASP B 71 7.98 9.38 -1.77
CA ASP B 71 7.18 8.31 -1.13
C ASP B 71 7.56 6.90 -1.58
N PHE B 72 8.63 6.78 -2.36
CA PHE B 72 9.14 5.48 -2.84
C PHE B 72 8.14 4.74 -3.71
N TYR B 73 7.13 5.46 -4.23
CA TYR B 73 6.29 4.98 -5.35
C TYR B 73 6.59 5.86 -6.55
N PRO B 74 7.76 5.65 -7.17
CA PRO B 74 8.23 6.57 -8.19
C PRO B 74 7.35 6.54 -9.43
N PHE B 75 7.26 7.68 -10.12
CA PHE B 75 6.58 7.73 -11.40
C PHE B 75 7.57 7.33 -12.47
N ASP B 76 7.12 7.28 -13.71
CA ASP B 76 7.84 6.52 -14.72
C ASP B 76 8.03 7.27 -16.03
N GLY B 77 8.09 8.60 -15.97
CA GLY B 77 8.20 9.36 -17.21
C GLY B 77 6.87 9.41 -17.92
N PRO B 78 6.83 9.92 -19.16
CA PRO B 78 5.58 10.08 -19.92
C PRO B 78 4.80 8.75 -20.08
N SER B 79 3.48 8.81 -20.05
CA SER B 79 2.61 7.63 -20.21
C SER B 79 2.61 6.68 -19.01
N GLY B 80 1.94 5.54 -19.12
CA GLY B 80 1.97 4.58 -18.03
C GLY B 80 1.26 5.11 -16.78
N LEU B 81 1.94 5.08 -15.63
CA LEU B 81 1.38 5.65 -14.40
C LEU B 81 1.11 7.14 -14.61
N LEU B 82 -0.10 7.59 -14.33
CA LEU B 82 -0.39 9.00 -14.53
C LEU B 82 -0.43 9.79 -13.21
N ALA B 83 -0.83 9.11 -12.14
CA ALA B 83 -1.05 9.76 -10.87
C ALA B 83 -1.38 8.67 -9.83
N HIS B 84 -1.27 9.00 -8.55
CA HIS B 84 -1.73 8.06 -7.54
C HIS B 84 -2.12 8.83 -6.30
N ALA B 85 -2.90 8.18 -5.44
CA ALA B 85 -3.39 8.83 -4.25
C ALA B 85 -3.50 7.81 -3.13
N PHE B 86 -3.30 8.26 -1.89
CA PHE B 86 -3.36 7.38 -0.72
C PHE B 86 -4.78 7.34 -0.15
N PRO B 87 -5.20 6.17 0.36
CA PRO B 87 -6.51 6.11 1.00
C PRO B 87 -6.53 6.94 2.28
N PRO B 88 -7.73 7.21 2.79
CA PRO B 88 -7.93 8.05 3.96
C PRO B 88 -7.07 7.59 5.14
N GLY B 89 -6.59 8.54 5.91
CA GLY B 89 -5.69 8.25 7.01
C GLY B 89 -4.85 9.48 7.32
N PRO B 90 -3.97 9.36 8.33
CA PRO B 90 -3.08 10.44 8.75
C PRO B 90 -1.89 10.55 7.81
N ASN B 91 -1.16 11.67 7.88
CA ASN B 91 0.09 11.79 7.13
C ASN B 91 -0.16 11.72 5.62
N TYR B 92 0.49 10.80 4.91
CA TYR B 92 0.29 10.70 3.46
C TYR B 92 -1.15 10.31 3.10
N GLY B 93 -1.88 9.73 4.04
CA GLY B 93 -3.27 9.38 3.79
C GLY B 93 -4.03 10.49 3.10
N GLY B 94 -4.76 10.18 2.04
CA GLY B 94 -5.55 11.19 1.34
C GLY B 94 -4.81 11.95 0.24
N ASP B 95 -3.48 11.99 0.33
CA ASP B 95 -2.70 12.83 -0.58
C ASP B 95 -2.78 12.32 -2.03
N ALA B 96 -2.65 13.26 -2.98
CA ALA B 96 -2.74 12.96 -4.40
C ALA B 96 -1.56 13.54 -5.10
N HIS B 97 -0.90 12.70 -5.89
CA HIS B 97 0.32 13.08 -6.60
C HIS B 97 0.11 12.86 -8.08
N PHE B 98 0.51 13.84 -8.88
CA PHE B 98 0.32 13.78 -10.34
C PHE B 98 1.68 13.80 -11.01
N ASP B 99 1.86 12.95 -12.02
CA ASP B 99 3.17 12.76 -12.64
C ASP B 99 3.39 13.90 -13.61
N ASP B 100 4.37 14.75 -13.30
CA ASP B 100 4.61 15.94 -14.13
C ASP B 100 5.47 15.65 -15.34
N ASP B 101 5.73 14.37 -15.59
CA ASP B 101 6.19 13.98 -16.92
C ASP B 101 5.06 13.74 -17.94
N GLU B 102 3.80 13.84 -17.49
CA GLU B 102 2.66 13.79 -18.42
C GLU B 102 2.37 15.20 -18.88
N THR B 103 1.66 15.33 -19.98
CA THR B 103 1.16 16.65 -20.38
C THR B 103 -0.28 16.83 -19.88
N TRP B 104 -0.48 17.79 -18.99
CA TRP B 104 -1.78 18.00 -18.36
C TRP B 104 -2.49 19.15 -19.05
N THR B 105 -3.81 19.04 -19.21
CA THR B 105 -4.55 20.09 -19.94
C THR B 105 -5.94 20.26 -19.40
N SER B 106 -6.54 21.37 -19.78
CA SER B 106 -7.93 21.64 -19.52
C SER B 106 -8.79 21.08 -20.66
N SER B 107 -8.14 20.54 -21.69
CA SER B 107 -8.84 20.05 -22.89
C SER B 107 -8.60 18.56 -23.14
N SER B 108 -8.39 18.19 -24.39
CA SER B 108 -8.12 16.78 -24.72
C SER B 108 -6.67 16.52 -25.16
N LYS B 109 -5.85 17.56 -25.19
CA LYS B 109 -4.48 17.48 -25.70
C LYS B 109 -3.48 17.03 -24.64
N GLY B 110 -3.45 15.74 -24.38
CA GLY B 110 -2.64 15.23 -23.29
C GLY B 110 -3.60 14.54 -22.34
N TYR B 111 -3.40 14.73 -21.04
CA TYR B 111 -4.33 14.16 -20.07
C TYR B 111 -5.15 15.24 -19.40
N ASN B 112 -6.47 15.07 -19.37
CA ASN B 112 -7.33 16.06 -18.73
C ASN B 112 -7.13 16.03 -17.21
N LEU B 113 -6.57 17.09 -16.64
CA LEU B 113 -6.30 17.13 -15.19
C LEU B 113 -7.58 16.91 -14.37
N PHE B 114 -8.64 17.64 -14.70
CA PHE B 114 -9.90 17.45 -14.00
C PHE B 114 -10.31 15.97 -13.89
N LEU B 115 -10.34 15.26 -15.00
CA LEU B 115 -10.83 13.88 -14.97
C LEU B 115 -9.91 12.98 -14.15
N VAL B 116 -8.59 13.16 -14.30
CA VAL B 116 -7.66 12.31 -13.54
C VAL B 116 -7.77 12.64 -12.05
N ALA B 117 -7.84 13.93 -11.72
CA ALA B 117 -8.03 14.34 -10.32
C ALA B 117 -9.31 13.77 -9.73
N ALA B 118 -10.38 13.75 -10.53
CA ALA B 118 -11.65 13.31 -10.02
C ALA B 118 -11.49 11.85 -9.62
N HIS B 119 -10.93 11.06 -10.53
CA HIS B 119 -10.55 9.68 -10.27
C HIS B 119 -9.65 9.55 -9.03
N GLU B 120 -8.57 10.34 -8.96
CA GLU B 120 -7.67 10.24 -7.82
C GLU B 120 -8.37 10.56 -6.49
N PHE B 121 -9.18 11.60 -6.47
CA PHE B 121 -9.84 11.97 -5.23
C PHE B 121 -10.82 10.85 -4.79
N GLY B 122 -11.29 10.05 -5.73
CA GLY B 122 -12.10 8.89 -5.37
C GLY B 122 -11.26 7.97 -4.49
N HIS B 123 -10.00 7.75 -4.87
CA HIS B 123 -9.07 6.96 -4.05
C HIS B 123 -8.81 7.64 -2.71
N SER B 124 -8.62 8.97 -2.73
CA SER B 124 -8.39 9.73 -1.49
C SER B 124 -9.56 9.59 -0.50
N LEU B 125 -10.75 9.29 -1.01
CA LEU B 125 -11.93 9.22 -0.14
C LEU B 125 -12.29 7.78 0.24
N GLY B 126 -11.57 6.81 -0.31
CA GLY B 126 -11.75 5.43 0.09
C GLY B 126 -12.25 4.47 -0.97
N LEU B 127 -12.44 4.94 -2.20
CA LEU B 127 -12.84 4.05 -3.28
C LEU B 127 -11.67 3.31 -3.95
N ASP B 128 -11.94 2.06 -4.30
CA ASP B 128 -11.02 1.24 -5.06
C ASP B 128 -11.38 1.34 -6.52
N HIS B 129 -10.62 0.66 -7.37
CA HIS B 129 -10.97 0.61 -8.77
C HIS B 129 -12.25 -0.18 -8.97
N SER B 130 -13.00 0.23 -9.98
CA SER B 130 -14.25 -0.43 -10.36
C SER B 130 -13.98 -1.41 -11.50
N LYS B 131 -14.87 -2.38 -11.68
CA LYS B 131 -14.75 -3.30 -12.79
C LYS B 131 -15.57 -2.81 -13.98
N ASP B 132 -16.42 -1.82 -13.73
CA ASP B 132 -17.36 -1.35 -14.72
C ASP B 132 -16.64 -0.38 -15.65
N PRO B 133 -16.48 -0.77 -16.93
CA PRO B 133 -15.69 0.05 -17.86
C PRO B 133 -16.20 1.47 -18.00
N GLY B 134 -17.44 1.73 -17.61
CA GLY B 134 -17.98 3.08 -17.72
C GLY B 134 -17.77 3.92 -16.47
N ALA B 135 -17.26 3.30 -15.41
CA ALA B 135 -17.13 3.99 -14.12
C ALA B 135 -15.97 4.97 -14.17
N LEU B 136 -16.10 6.09 -13.46
CA LEU B 136 -14.95 6.99 -13.31
C LEU B 136 -13.82 6.23 -12.62
N MET B 137 -14.16 5.30 -11.72
CA MET B 137 -13.15 4.60 -10.95
C MET B 137 -12.51 3.43 -11.70
N PHE B 138 -12.85 3.26 -12.98
CA PHE B 138 -12.19 2.25 -13.82
C PHE B 138 -10.71 2.65 -13.93
N PRO B 139 -9.78 1.68 -14.01
CA PRO B 139 -8.35 2.02 -13.95
C PRO B 139 -7.78 2.58 -15.26
N ILE B 140 -8.55 2.54 -16.34
CA ILE B 140 -8.06 3.01 -17.63
C ILE B 140 -8.58 4.41 -18.03
N TYR B 141 -7.66 5.30 -18.44
CA TYR B 141 -8.05 6.63 -18.81
C TYR B 141 -8.73 6.64 -20.19
N THR B 142 -9.84 7.37 -20.28
CA THR B 142 -10.44 7.71 -21.54
C THR B 142 -10.99 9.11 -21.38
N TYR B 143 -11.06 9.85 -22.48
CA TYR B 143 -11.60 11.19 -22.44
C TYR B 143 -12.98 11.19 -23.08
N SER B 147 -17.78 18.68 -22.66
CA SER B 147 -17.59 19.84 -21.79
C SER B 147 -18.18 19.64 -20.38
N HIS B 148 -19.16 18.74 -20.28
CA HIS B 148 -19.90 18.50 -19.03
C HIS B 148 -19.67 17.07 -18.54
N PHE B 149 -19.50 16.90 -17.23
CA PHE B 149 -19.26 15.57 -16.69
C PHE B 149 -20.34 15.09 -15.74
N MET B 150 -20.80 13.86 -15.93
CA MET B 150 -21.80 13.28 -15.03
C MET B 150 -21.26 12.04 -14.30
N LEU B 151 -21.20 12.10 -12.98
CA LEU B 151 -20.64 10.99 -12.22
C LEU B 151 -21.50 9.74 -12.50
N PRO B 152 -20.90 8.66 -13.03
CA PRO B 152 -21.67 7.45 -13.31
C PRO B 152 -22.32 6.85 -12.05
N ASP B 153 -23.38 6.10 -12.24
CA ASP B 153 -24.12 5.55 -11.10
C ASP B 153 -23.24 4.61 -10.28
N ASP B 154 -22.34 3.88 -10.93
CA ASP B 154 -21.46 2.96 -10.21
C ASP B 154 -20.61 3.73 -9.19
N ASP B 155 -20.10 4.90 -9.58
CA ASP B 155 -19.30 5.71 -8.65
C ASP B 155 -20.17 6.33 -7.57
N VAL B 156 -21.38 6.77 -7.95
CA VAL B 156 -22.30 7.37 -6.97
C VAL B 156 -22.61 6.34 -5.87
N GLN B 157 -22.95 5.12 -6.28
CA GLN B 157 -23.21 4.04 -5.32
C GLN B 157 -22.00 3.70 -4.45
N GLY B 158 -20.83 3.63 -5.06
CA GLY B 158 -19.62 3.35 -4.30
C GLY B 158 -19.36 4.37 -3.20
N ILE B 159 -19.38 5.65 -3.56
CA ILE B 159 -19.10 6.69 -2.59
C ILE B 159 -20.23 6.85 -1.56
N GLN B 160 -21.47 6.71 -1.97
CA GLN B 160 -22.55 6.81 -1.00
C GLN B 160 -22.57 5.61 -0.05
N SER B 161 -21.99 4.48 -0.47
CA SER B 161 -21.91 3.32 0.42
C SER B 161 -20.96 3.58 1.55
N LEU B 162 -20.07 4.54 1.34
CA LEU B 162 -19.14 4.97 2.39
C LEU B 162 -19.71 6.11 3.21
N TYR B 163 -20.26 7.12 2.54
CA TYR B 163 -20.61 8.39 3.21
C TYR B 163 -22.09 8.76 3.18
N GLY B 164 -22.87 8.02 2.40
CA GLY B 164 -24.28 8.34 2.26
C GLY B 164 -24.46 9.51 1.32
N PRO B 165 -25.72 9.80 0.96
CA PRO B 165 -26.07 10.86 0.02
C PRO B 165 -25.96 12.20 0.71
N GLY B 166 -25.99 13.28 -0.06
CA GLY B 166 -25.96 14.60 0.53
C GLY B 166 -27.22 14.90 1.32
ZN ZN C . 7.54 -7.13 13.57
ZN ZN D . 13.80 -1.78 4.27
CA CA E . 25.42 -10.93 7.98
CA CA F . 20.67 -4.07 13.07
CA CA G . 5.86 -6.08 -3.29
C FMT H . 9.62 -5.93 12.65
O1 FMT H . 9.31 -7.01 12.17
O2 FMT H . 9.30 -5.62 13.78
C1 732 I . 11.11 -12.43 15.30
C2 732 I . 10.79 -11.13 15.68
C3 732 I . 9.93 -10.93 16.75
C4 732 I . 9.40 -12.01 17.44
C5 732 I . 9.73 -13.29 17.05
C6 732 I . 10.58 -13.50 15.98
C7 732 I . 11.35 -9.98 14.97
CL8 732 I . 9.09 -14.65 17.89
C9 732 I . 11.49 -9.76 13.62
C10 732 I . 12.01 -8.46 13.47
C11 732 I . 12.35 -8.04 14.73
O12 732 I . 11.90 -8.95 15.61
C13 732 I . 13.12 -6.90 15.21
O14 732 I . 13.56 -5.99 14.50
N15 732 I . 13.31 -7.01 16.54
C16 732 I . 14.05 -6.15 17.44
C17 732 I . 13.07 -5.22 18.17
C18 732 I . 14.75 -7.13 18.36
O19 732 I . 14.13 -7.96 19.02
N20 732 I . 16.10 -7.11 18.39
C21 732 I . 16.81 -8.06 19.26
C22 732 I . 13.46 -5.05 19.64
C23 732 I . 12.47 -4.11 20.32
C24 732 I . 12.55 -2.74 19.64
C25 732 I . 12.17 -2.85 18.16
C26 732 I . 13.10 -3.85 17.46
ZN ZN J . -6.96 4.62 -9.85
ZN ZN K . 3.66 9.79 -4.86
CA CA L . 4.17 18.58 -17.44
CA CA M . 3.90 8.51 -16.18
CA CA N . -2.94 13.63 4.08
C FMT O . -4.75 5.50 -10.23
O1 FMT O . -4.64 4.31 -9.91
O2 FMT O . -5.12 6.37 -9.45
#